data_3EAA
#
_entry.id   3EAA
#
_cell.length_a   85.459
_cell.length_b   85.459
_cell.length_c   93.066
_cell.angle_alpha   90.00
_cell.angle_beta   90.00
_cell.angle_gamma   120.00
#
_symmetry.space_group_name_H-M   'P 6'
#
loop_
_entity.id
_entity.type
_entity.pdbx_description
1 polymer EvpC
2 water water
#
_entity_poly.entity_id   1
_entity_poly.type   'polypeptide(L)'
_entity_poly.pdbx_seq_one_letter_code
;(MSE)AFDTYIKLDKVDGESTDDKHKKWIEVLGFAWGAGNECT(MSE)ESGTQGLNTGKA(MSE)(MSE)SVLRVTKW
(MSE)DCASVKLASAAVQGQNFPTLELEICTQAGDKFAFCIYKFTHVAVSSYQCSGATGGSDRPQETIDFAYKEVTWEYV
PQDQNGKAGGKIGPEGWSLITNKKK
;
_entity_poly.pdbx_strand_id   A,B
#
# COMPACT_ATOMS: atom_id res chain seq x y z
N ALA A 2 23.52 -30.52 -10.23
CA ALA A 2 23.50 -29.61 -9.09
C ALA A 2 22.43 -28.53 -9.24
N PHE A 3 21.75 -28.22 -8.14
CA PHE A 3 20.77 -27.15 -8.12
C PHE A 3 19.78 -27.21 -9.29
N ASP A 4 19.12 -28.36 -9.45
CA ASP A 4 18.09 -28.53 -10.47
C ASP A 4 16.79 -27.88 -10.00
N THR A 5 16.27 -26.95 -10.80
CA THR A 5 15.11 -26.15 -10.40
C THR A 5 13.81 -26.52 -11.14
N TYR A 6 12.76 -26.78 -10.39
CA TYR A 6 11.45 -27.05 -10.98
C TYR A 6 10.41 -26.07 -10.47
N ILE A 7 9.35 -25.87 -11.25
CA ILE A 7 8.32 -24.92 -10.87
C ILE A 7 6.91 -25.38 -11.28
N LYS A 8 5.95 -25.25 -10.37
CA LYS A 8 4.60 -25.76 -10.59
C LYS A 8 3.51 -24.69 -10.63
N LEU A 9 2.61 -24.83 -11.61
CA LEU A 9 1.47 -23.94 -11.81
C LEU A 9 0.20 -24.75 -11.83
N ASP A 10 -0.86 -24.19 -11.26
CA ASP A 10 -2.15 -24.87 -11.17
C ASP A 10 -2.78 -25.07 -12.53
N LYS A 11 -2.96 -26.34 -12.91
CA LYS A 11 -3.51 -26.72 -14.21
C LYS A 11 -2.69 -26.18 -15.37
N VAL A 12 -1.38 -26.45 -15.34
CA VAL A 12 -0.46 -25.98 -16.38
C VAL A 12 0.72 -26.95 -16.53
N ASP A 13 0.46 -28.06 -17.19
CA ASP A 13 1.47 -29.12 -17.31
C ASP A 13 2.73 -28.67 -18.05
N GLY A 14 3.86 -28.75 -17.36
CA GLY A 14 5.14 -28.58 -18.01
C GLY A 14 5.58 -29.91 -18.57
N GLU A 15 6.88 -30.16 -18.62
CA GLU A 15 7.41 -31.30 -19.35
C GLU A 15 8.36 -32.19 -18.53
N SER A 16 8.57 -31.86 -17.26
CA SER A 16 9.56 -32.59 -16.47
C SER A 16 9.28 -34.09 -16.41
N THR A 17 10.24 -34.84 -15.90
CA THR A 17 10.18 -36.29 -15.96
C THR A 17 10.58 -36.95 -14.64
N ASP A 18 11.44 -36.31 -13.86
CA ASP A 18 11.90 -36.96 -12.65
C ASP A 18 10.77 -37.32 -11.70
N ASP A 19 10.95 -38.42 -11.00
CA ASP A 19 9.94 -38.96 -10.10
C ASP A 19 9.18 -37.89 -9.32
N LYS A 20 9.88 -37.10 -8.52
CA LYS A 20 9.24 -36.16 -7.62
C LYS A 20 8.61 -34.93 -8.29
N HIS A 21 8.88 -34.73 -9.58
CA HIS A 21 8.38 -33.54 -10.27
C HIS A 21 7.78 -33.85 -11.65
N LYS A 22 6.80 -34.76 -11.67
CA LYS A 22 6.22 -35.22 -12.92
C LYS A 22 5.39 -34.13 -13.60
N LYS A 23 5.70 -33.87 -14.86
CA LYS A 23 5.01 -32.86 -15.66
C LYS A 23 5.18 -31.43 -15.14
N TRP A 24 6.05 -31.25 -14.14
CA TRP A 24 6.43 -29.92 -13.70
C TRP A 24 7.17 -29.22 -14.82
N ILE A 25 7.38 -27.92 -14.67
CA ILE A 25 8.17 -27.17 -15.63
C ILE A 25 9.63 -27.10 -15.19
N GLU A 26 10.52 -27.61 -16.04
CA GLU A 26 11.95 -27.54 -15.78
C GLU A 26 12.50 -26.13 -16.01
N VAL A 27 13.19 -25.58 -15.01
CA VAL A 27 13.69 -24.21 -15.11
C VAL A 27 15.18 -24.12 -14.81
N LEU A 28 15.85 -23.20 -15.49
CA LEU A 28 17.27 -22.95 -15.30
C LEU A 28 17.55 -21.98 -14.15
N GLY A 29 17.19 -20.71 -14.33
CA GLY A 29 17.45 -19.72 -13.31
C GLY A 29 16.20 -19.10 -12.77
N PHE A 30 16.24 -18.56 -11.56
CA PHE A 30 15.06 -17.93 -11.00
C PHE A 30 15.18 -16.43 -10.69
N ALA A 31 16.21 -16.04 -9.96
CA ALA A 31 16.37 -14.63 -9.58
C ALA A 31 15.13 -14.06 -8.90
N TRP A 32 15.31 -13.57 -7.68
CA TRP A 32 14.21 -13.07 -6.87
C TRP A 32 14.79 -12.21 -5.75
N GLY A 33 14.00 -11.25 -5.29
CA GLY A 33 14.53 -10.30 -4.33
C GLY A 33 13.49 -9.59 -3.50
N ALA A 34 13.92 -9.15 -2.33
CA ALA A 34 13.08 -8.37 -1.45
C ALA A 34 13.99 -7.47 -0.66
N GLY A 35 13.39 -6.51 0.04
CA GLY A 35 14.15 -5.60 0.86
C GLY A 35 13.32 -4.37 1.12
N ASN A 36 13.66 -3.64 2.18
CA ASN A 36 12.89 -2.47 2.56
C ASN A 36 13.56 -1.16 2.15
N GLU A 37 12.94 -0.05 2.51
CA GLU A 37 13.49 1.25 2.14
C GLU A 37 14.26 1.91 3.29
N CYS A 38 15.30 1.21 3.74
CA CYS A 38 16.17 1.70 4.80
C CYS A 38 17.29 2.56 4.23
N THR A 39 17.24 3.85 4.53
CA THR A 39 18.21 4.81 4.02
C THR A 39 19.46 4.82 4.91
N MSE A 40 20.56 5.37 4.39
CA MSE A 40 21.74 5.57 5.21
C MSE A 40 21.59 6.87 6.00
O MSE A 40 22.54 7.32 6.64
CB MSE A 40 23.01 5.57 4.37
N GLU A 41 20.40 7.46 5.91
CA GLU A 41 19.96 8.58 6.75
C GLU A 41 21.00 9.59 7.20
N SER A 42 21.76 9.23 8.24
CA SER A 42 22.79 10.10 8.79
C SER A 42 22.18 11.41 9.27
N GLY A 43 21.09 11.30 10.02
CA GLY A 43 20.41 12.45 10.60
C GLY A 43 19.27 12.01 11.52
N THR A 44 18.77 10.79 11.32
CA THR A 44 17.68 10.25 12.13
C THR A 44 18.19 9.25 13.17
N GLN A 45 17.56 9.24 14.35
CA GLN A 45 18.05 8.45 15.47
C GLN A 45 17.74 6.96 15.34
N GLY A 46 16.47 6.64 15.08
CA GLY A 46 16.08 5.27 14.82
C GLY A 46 16.59 4.84 13.46
N LEU A 47 16.34 3.58 13.09
CA LEU A 47 16.76 3.11 11.78
C LEU A 47 15.85 3.65 10.68
N ASN A 48 14.55 3.38 10.80
CA ASN A 48 13.55 3.86 9.84
C ASN A 48 13.49 2.98 8.59
N THR A 49 12.93 1.79 8.76
CA THR A 49 12.84 0.78 7.72
C THR A 49 11.81 1.11 6.64
N GLY A 50 10.83 1.92 7.01
CA GLY A 50 9.77 2.29 6.08
C GLY A 50 9.00 1.08 5.59
N LYS A 51 8.83 0.97 4.30
CA LYS A 51 7.96 0.02 3.77
C LYS A 51 8.71 -1.12 3.28
N ALA A 52 8.03 -2.22 3.20
CA ALA A 52 8.52 -3.46 2.70
C ALA A 52 8.37 -3.71 1.26
N MSE A 53 9.39 -4.20 0.61
CA MSE A 53 9.11 -4.64 -0.69
C MSE A 53 9.76 -5.73 -1.36
O MSE A 53 10.88 -5.99 -1.13
CB MSE A 53 8.87 -3.53 -1.60
CG MSE A 53 8.07 -3.93 -2.80
SE MSE A 53 6.23 -2.64 -3.23
CE MSE A 53 6.44 -4.70 -4.21
N MSE A 54 9.01 -6.29 -2.28
CA MSE A 54 9.33 -7.50 -2.99
C MSE A 54 9.36 -7.40 -4.47
O MSE A 54 8.69 -6.62 -5.06
CB MSE A 54 8.48 -8.66 -2.49
CG MSE A 54 8.24 -8.64 -1.09
SE MSE A 54 6.50 -10.00 -0.58
CE MSE A 54 8.60 -10.82 -0.57
N SER A 55 10.16 -8.23 -5.07
CA SER A 55 10.34 -8.28 -6.51
C SER A 55 9.67 -9.37 -7.29
N VAL A 56 9.46 -9.18 -8.57
CA VAL A 56 8.92 -10.26 -9.36
C VAL A 56 9.93 -11.39 -9.34
N LEU A 57 9.47 -12.60 -9.67
CA LEU A 57 10.37 -13.72 -9.85
C LEU A 57 10.62 -13.85 -11.34
N ARG A 58 11.89 -14.01 -11.71
CA ARG A 58 12.24 -14.08 -13.12
C ARG A 58 12.69 -15.47 -13.50
N VAL A 59 11.84 -16.18 -14.21
CA VAL A 59 12.16 -17.53 -14.55
C VAL A 59 12.81 -17.62 -15.92
N THR A 60 13.77 -18.52 -16.05
CA THR A 60 14.34 -18.83 -17.35
C THR A 60 14.17 -20.32 -17.65
N LYS A 61 13.79 -20.63 -18.89
CA LYS A 61 13.57 -22.01 -19.29
C LYS A 61 13.46 -22.13 -20.80
N TRP A 62 13.49 -23.37 -21.30
CA TRP A 62 13.35 -23.62 -22.73
C TRP A 62 11.90 -23.53 -23.09
N MSE A 63 11.61 -23.64 -24.37
CA MSE A 63 10.24 -23.84 -24.81
C MSE A 63 9.82 -25.24 -24.43
O MSE A 63 10.56 -26.21 -24.59
CB MSE A 63 10.13 -23.70 -26.32
CG MSE A 63 9.67 -22.33 -26.78
SE MSE A 63 8.85 -22.39 -28.55
CE MSE A 63 7.97 -20.64 -28.51
N ASP A 64 8.61 -25.34 -23.92
CA ASP A 64 8.04 -26.65 -23.70
C ASP A 64 6.57 -26.61 -23.99
N CYS A 65 5.84 -27.47 -23.31
CA CYS A 65 4.41 -27.60 -23.51
C CYS A 65 3.67 -26.54 -22.73
N ALA A 66 4.40 -25.81 -21.89
CA ALA A 66 3.77 -24.80 -21.06
C ALA A 66 3.80 -23.46 -21.75
N SER A 67 4.74 -23.33 -22.68
CA SER A 67 4.91 -22.09 -23.43
C SER A 67 3.58 -21.45 -23.77
N VAL A 68 2.79 -22.15 -24.59
CA VAL A 68 1.56 -21.56 -25.11
C VAL A 68 0.67 -21.01 -24.00
N LYS A 69 0.58 -21.75 -22.90
CA LYS A 69 -0.25 -21.33 -21.77
C LYS A 69 0.39 -20.12 -21.11
N LEU A 70 1.71 -20.11 -21.07
CA LEU A 70 2.44 -18.99 -20.50
C LEU A 70 2.23 -17.79 -21.38
N ALA A 71 2.27 -18.02 -22.69
CA ALA A 71 2.06 -16.95 -23.65
C ALA A 71 0.67 -16.36 -23.44
N SER A 72 -0.33 -17.22 -23.38
CA SER A 72 -1.70 -16.75 -23.23
C SER A 72 -1.88 -16.07 -21.88
N ALA A 73 -1.28 -16.64 -20.85
CA ALA A 73 -1.43 -16.08 -19.52
C ALA A 73 -1.06 -14.59 -19.56
N ALA A 74 0.08 -14.30 -20.15
CA ALA A 74 0.52 -12.92 -20.27
C ALA A 74 -0.62 -11.98 -20.69
N VAL A 75 -1.02 -12.05 -21.95
CA VAL A 75 -2.00 -11.14 -22.53
C VAL A 75 -3.38 -11.31 -21.93
N GLN A 76 -3.56 -12.38 -21.17
CA GLN A 76 -4.86 -12.71 -20.62
C GLN A 76 -5.02 -12.20 -19.21
N GLY A 77 -3.89 -11.80 -18.62
CA GLY A 77 -3.85 -11.39 -17.23
C GLY A 77 -4.31 -12.50 -16.32
N GLN A 78 -3.97 -13.74 -16.66
CA GLN A 78 -4.58 -14.91 -16.03
C GLN A 78 -4.14 -15.10 -14.59
N ASN A 79 -5.12 -15.26 -13.68
CA ASN A 79 -4.83 -15.47 -12.26
C ASN A 79 -4.65 -16.91 -11.86
N PHE A 80 -3.50 -17.21 -11.25
CA PHE A 80 -3.26 -18.53 -10.67
C PHE A 80 -3.27 -18.45 -9.14
N PRO A 81 -3.68 -19.53 -8.50
CA PRO A 81 -3.77 -19.50 -7.04
C PRO A 81 -2.40 -19.66 -6.43
N THR A 82 -1.55 -20.41 -7.12
CA THR A 82 -0.36 -20.93 -6.48
C THR A 82 0.75 -21.28 -7.44
N LEU A 83 1.91 -20.72 -7.19
CA LEU A 83 3.13 -21.09 -7.89
C LEU A 83 4.13 -21.63 -6.87
N GLU A 84 4.61 -22.85 -7.11
CA GLU A 84 5.59 -23.47 -6.23
C GLU A 84 6.94 -23.56 -6.91
N LEU A 85 7.94 -22.90 -6.35
CA LEU A 85 9.29 -23.09 -6.84
C LEU A 85 10.06 -24.08 -5.97
N GLU A 86 10.91 -24.87 -6.61
CA GLU A 86 11.58 -25.94 -5.91
C GLU A 86 12.96 -26.26 -6.51
N ILE A 87 14.00 -26.06 -5.70
CA ILE A 87 15.34 -26.40 -6.12
C ILE A 87 15.79 -27.65 -5.39
N CYS A 88 16.23 -28.64 -6.14
CA CYS A 88 16.50 -29.97 -5.59
C CYS A 88 17.94 -30.39 -5.84
N THR A 89 18.55 -31.00 -4.83
CA THR A 89 19.95 -31.40 -4.89
C THR A 89 20.23 -32.45 -5.94
N GLN A 90 21.34 -32.27 -6.66
CA GLN A 90 21.79 -33.24 -7.64
C GLN A 90 22.18 -34.54 -6.96
N ALA A 91 22.96 -34.44 -5.88
CA ALA A 91 23.35 -35.60 -5.11
C ALA A 91 22.42 -35.85 -3.95
N GLY A 92 22.94 -36.55 -2.93
CA GLY A 92 22.19 -36.82 -1.72
C GLY A 92 20.92 -37.62 -1.94
N ASP A 93 19.77 -36.97 -1.87
CA ASP A 93 18.50 -37.64 -2.07
C ASP A 93 17.57 -36.87 -2.98
N LYS A 94 18.15 -36.09 -3.88
CA LYS A 94 17.35 -35.31 -4.83
C LYS A 94 16.20 -34.55 -4.14
N PHE A 95 16.39 -34.21 -2.87
CA PHE A 95 15.36 -33.47 -2.15
C PHE A 95 15.48 -31.96 -2.36
N ALA A 96 14.40 -31.25 -2.04
CA ALA A 96 14.35 -29.82 -2.25
C ALA A 96 14.88 -29.07 -1.05
N PHE A 97 16.05 -28.46 -1.19
CA PHE A 97 16.68 -27.78 -0.08
C PHE A 97 16.17 -26.37 0.00
N CYS A 98 15.26 -26.03 -0.89
CA CYS A 98 14.66 -24.71 -0.88
C CYS A 98 13.30 -24.76 -1.53
N ILE A 99 12.27 -24.44 -0.76
CA ILE A 99 10.92 -24.55 -1.28
C ILE A 99 10.21 -23.21 -1.23
N TYR A 100 10.01 -22.62 -2.40
CA TYR A 100 9.34 -21.32 -2.47
C TYR A 100 7.87 -21.54 -2.78
N LYS A 101 7.03 -20.64 -2.30
CA LYS A 101 5.61 -20.79 -2.50
C LYS A 101 4.92 -19.44 -2.66
N PHE A 102 4.34 -19.22 -3.84
CA PHE A 102 3.65 -17.98 -4.16
C PHE A 102 2.17 -18.21 -4.23
N THR A 103 1.42 -17.19 -3.86
CA THR A 103 -0.03 -17.28 -3.79
C THR A 103 -0.62 -16.08 -4.50
N HIS A 104 -1.57 -16.33 -5.40
CA HIS A 104 -2.18 -15.28 -6.21
C HIS A 104 -1.23 -14.75 -7.29
N VAL A 105 -0.79 -15.66 -8.14
CA VAL A 105 0.23 -15.37 -9.12
C VAL A 105 -0.32 -14.97 -10.48
N ALA A 106 0.43 -14.14 -11.19
CA ALA A 106 0.15 -13.77 -12.58
C ALA A 106 1.42 -13.81 -13.42
N VAL A 107 1.28 -13.98 -14.72
CA VAL A 107 2.41 -13.75 -15.62
C VAL A 107 2.39 -12.28 -16.06
N SER A 108 3.41 -11.52 -15.66
CA SER A 108 3.44 -10.10 -15.96
C SER A 108 4.13 -9.85 -17.30
N SER A 109 4.96 -10.79 -17.71
CA SER A 109 5.60 -10.69 -19.01
C SER A 109 6.07 -12.06 -19.45
N TYR A 110 6.04 -12.24 -20.75
CA TYR A 110 6.56 -13.43 -21.36
C TYR A 110 7.42 -12.94 -22.49
N GLN A 111 8.64 -13.44 -22.56
CA GLN A 111 9.52 -13.08 -23.66
C GLN A 111 10.00 -14.33 -24.35
N CYS A 112 10.28 -14.21 -25.64
CA CYS A 112 10.72 -15.34 -26.43
C CYS A 112 11.88 -14.94 -27.31
N SER A 113 12.73 -15.90 -27.66
CA SER A 113 13.91 -15.62 -28.47
C SER A 113 14.60 -16.91 -28.89
N GLY A 114 15.20 -16.91 -30.07
CA GLY A 114 15.83 -18.11 -30.59
C GLY A 114 17.23 -17.90 -31.14
N ALA A 115 18.20 -18.58 -30.53
CA ALA A 115 19.60 -18.49 -30.90
C ALA A 115 19.86 -18.61 -32.40
N THR A 116 19.12 -19.48 -33.06
CA THR A 116 19.17 -19.58 -34.51
C THR A 116 19.74 -20.87 -35.06
N GLY A 117 20.98 -21.17 -34.67
CA GLY A 117 21.67 -22.35 -35.13
C GLY A 117 22.89 -22.65 -34.29
N GLY A 118 22.66 -23.23 -33.11
CA GLY A 118 23.73 -23.58 -32.19
C GLY A 118 23.18 -24.38 -31.03
N SER A 119 22.93 -23.69 -29.92
CA SER A 119 22.26 -24.31 -28.78
C SER A 119 20.90 -24.80 -29.24
N ASP A 120 20.46 -25.93 -28.69
CA ASP A 120 19.14 -26.43 -29.04
C ASP A 120 18.10 -25.78 -28.16
N ARG A 121 16.86 -25.76 -28.64
CA ARG A 121 15.75 -25.20 -27.89
C ARG A 121 15.86 -23.71 -27.73
N PRO A 122 14.85 -22.98 -28.24
CA PRO A 122 14.71 -21.55 -28.00
C PRO A 122 14.62 -21.31 -26.51
N GLN A 123 14.72 -20.06 -26.10
CA GLN A 123 14.72 -19.77 -24.67
C GLN A 123 13.72 -18.69 -24.35
N GLU A 124 12.94 -18.91 -23.30
CA GLU A 124 12.00 -17.90 -22.85
C GLU A 124 12.31 -17.42 -21.44
N THR A 125 11.95 -16.17 -21.18
CA THR A 125 12.12 -15.56 -19.87
C THR A 125 10.78 -15.05 -19.36
N ILE A 126 10.36 -15.56 -18.21
CA ILE A 126 9.04 -15.23 -17.67
C ILE A 126 9.08 -14.48 -16.33
N ASP A 127 8.29 -13.42 -16.25
CA ASP A 127 8.17 -12.68 -15.01
C ASP A 127 6.83 -12.98 -14.35
N PHE A 128 6.92 -13.46 -13.11
CA PHE A 128 5.75 -13.85 -12.35
C PHE A 128 5.46 -12.86 -11.23
N ALA A 129 4.39 -12.08 -11.40
CA ALA A 129 3.90 -11.22 -10.34
C ALA A 129 3.02 -12.01 -9.35
N TYR A 130 2.98 -11.58 -8.09
CA TYR A 130 2.29 -12.34 -7.05
C TYR A 130 1.75 -11.49 -5.90
N LYS A 131 1.16 -12.14 -4.89
CA LYS A 131 0.64 -11.43 -3.73
C LYS A 131 1.35 -11.87 -2.46
N GLU A 132 1.63 -13.17 -2.35
CA GLU A 132 2.19 -13.74 -1.14
C GLU A 132 3.22 -14.83 -1.45
N VAL A 133 4.02 -15.21 -0.46
CA VAL A 133 5.13 -16.13 -0.71
C VAL A 133 5.80 -16.61 0.57
N THR A 134 6.55 -17.70 0.46
CA THR A 134 7.20 -18.35 1.61
C THR A 134 8.57 -18.92 1.25
N TRP A 135 9.54 -18.82 2.15
CA TRP A 135 10.90 -19.28 1.83
C TRP A 135 11.14 -20.78 1.99
N GLU A 136 11.26 -21.26 3.22
CA GLU A 136 11.58 -22.67 3.49
C GLU A 136 12.90 -23.12 2.89
N TYR A 137 13.82 -23.49 3.77
CA TYR A 137 15.12 -24.02 3.38
C TYR A 137 15.40 -25.31 4.16
N VAL A 138 16.21 -26.19 3.59
CA VAL A 138 16.60 -27.42 4.26
C VAL A 138 18.09 -27.68 4.07
N PRO A 139 18.84 -27.75 5.18
CA PRO A 139 20.26 -28.14 5.20
C PRO A 139 20.46 -29.58 4.71
N GLN A 140 21.72 -29.98 4.52
CA GLN A 140 22.03 -31.33 4.07
C GLN A 140 23.20 -31.90 4.89
N ASP A 141 23.01 -33.10 5.42
CA ASP A 141 24.06 -33.78 6.18
C ASP A 141 25.21 -34.18 5.26
N GLN A 142 26.42 -33.75 5.61
CA GLN A 142 27.62 -34.17 4.90
C GLN A 142 27.61 -35.67 4.64
N ASN A 143 26.84 -36.39 5.45
CA ASN A 143 26.67 -37.82 5.30
C ASN A 143 25.70 -38.14 4.18
N GLY A 144 25.47 -37.15 3.31
CA GLY A 144 24.57 -37.29 2.17
C GLY A 144 23.14 -36.85 2.47
N LYS A 145 22.57 -37.39 3.54
CA LYS A 145 21.16 -37.17 3.86
C LYS A 145 20.81 -35.75 4.24
N ALA A 146 19.52 -35.49 4.45
CA ALA A 146 19.05 -34.15 4.78
C ALA A 146 19.11 -33.88 6.28
N GLY A 147 18.71 -32.67 6.65
CA GLY A 147 18.67 -32.28 8.05
C GLY A 147 17.32 -31.63 8.34
N GLY A 148 17.19 -31.03 9.51
CA GLY A 148 15.94 -30.38 9.87
C GLY A 148 15.59 -29.24 8.94
N LYS A 149 14.30 -29.03 8.71
CA LYS A 149 13.85 -27.93 7.86
C LYS A 149 13.83 -26.60 8.62
N ILE A 150 14.23 -25.53 7.93
CA ILE A 150 14.35 -24.24 8.57
C ILE A 150 13.10 -23.38 8.45
N GLY A 151 12.39 -23.28 9.57
CA GLY A 151 11.10 -22.61 9.72
C GLY A 151 10.60 -21.85 8.48
N PRO A 152 9.60 -22.42 7.80
CA PRO A 152 8.88 -21.80 6.68
C PRO A 152 8.35 -20.42 7.06
N GLU A 153 8.95 -19.38 6.49
CA GLU A 153 8.50 -18.02 6.76
C GLU A 153 8.18 -17.34 5.44
N GLY A 154 7.68 -16.11 5.50
CA GLY A 154 7.25 -15.44 4.29
C GLY A 154 6.60 -14.11 4.59
N TRP A 155 5.73 -13.68 3.70
CA TRP A 155 5.17 -12.33 3.80
C TRP A 155 4.05 -12.11 2.81
N SER A 156 3.19 -11.15 3.11
CA SER A 156 2.04 -10.84 2.26
C SER A 156 1.91 -9.36 1.95
N LEU A 157 1.73 -9.05 0.67
CA LEU A 157 1.56 -7.68 0.21
C LEU A 157 0.11 -7.22 0.34
N ILE A 158 -0.77 -8.10 0.77
CA ILE A 158 -2.15 -7.70 1.01
C ILE A 158 -2.32 -7.20 2.45
N THR A 159 -1.48 -7.70 3.35
CA THR A 159 -1.58 -7.35 4.76
C THR A 159 -0.39 -6.50 5.22
N ASN A 160 0.74 -6.67 4.53
CA ASN A 160 1.99 -6.11 4.98
C ASN A 160 2.27 -6.64 6.37
N LYS A 161 2.09 -7.95 6.53
CA LYS A 161 2.48 -8.66 7.74
C LYS A 161 3.34 -9.85 7.33
N LYS A 162 3.87 -10.56 8.32
CA LYS A 162 4.74 -11.70 8.08
C LYS A 162 3.97 -12.97 7.71
N LYS A 163 4.73 -14.00 7.33
CA LYS A 163 4.22 -15.33 6.99
C LYS A 163 2.88 -15.34 6.26
N ALA B 2 -21.18 32.91 7.58
CA ALA B 2 -21.38 31.78 6.71
C ALA B 2 -20.19 30.83 6.71
N PHE B 3 -20.48 29.53 6.71
CA PHE B 3 -19.43 28.50 6.63
C PHE B 3 -18.29 28.75 7.61
N ASP B 4 -18.62 28.90 8.90
CA ASP B 4 -17.63 29.00 9.95
C ASP B 4 -17.02 27.63 10.26
N THR B 5 -15.71 27.52 10.17
CA THR B 5 -15.02 26.23 10.30
C THR B 5 -14.22 26.09 11.61
N TYR B 6 -14.47 25.02 12.34
CA TYR B 6 -13.72 24.72 13.55
C TYR B 6 -13.05 23.37 13.46
N ILE B 7 -11.97 23.19 14.22
CA ILE B 7 -11.23 21.94 14.18
C ILE B 7 -10.67 21.54 15.56
N LYS B 8 -10.84 20.26 15.92
CA LYS B 8 -10.45 19.77 17.25
C LYS B 8 -9.35 18.72 17.26
N LEU B 9 -8.39 18.92 18.16
CA LEU B 9 -7.26 18.02 18.37
C LEU B 9 -7.23 17.55 19.82
N ASP B 10 -6.85 16.29 20.00
CA ASP B 10 -6.83 15.69 21.34
C ASP B 10 -5.76 16.33 22.23
N LYS B 11 -6.22 16.94 23.30
CA LYS B 11 -5.36 17.64 24.25
C LYS B 11 -4.56 18.77 23.58
N VAL B 12 -5.26 19.64 22.86
CA VAL B 12 -4.65 20.76 22.14
C VAL B 12 -5.60 21.96 22.05
N ASP B 13 -5.75 22.66 23.16
CA ASP B 13 -6.71 23.77 23.23
C ASP B 13 -6.42 24.90 22.24
N GLY B 14 -7.40 25.14 21.37
CA GLY B 14 -7.36 26.31 20.51
C GLY B 14 -7.98 27.46 21.28
N GLU B 15 -8.61 28.39 20.58
CA GLU B 15 -9.03 29.65 21.18
C GLU B 15 -10.51 29.98 20.97
N SER B 16 -11.26 29.11 20.31
CA SER B 16 -12.64 29.44 19.97
C SER B 16 -13.49 29.78 21.18
N THR B 17 -14.68 30.29 20.92
CA THR B 17 -15.50 30.84 21.98
C THR B 17 -16.96 30.43 21.88
N ASP B 18 -17.44 30.16 20.67
CA ASP B 18 -18.85 29.86 20.52
C ASP B 18 -19.26 28.63 21.31
N ASP B 19 -20.49 28.67 21.80
CA ASP B 19 -21.03 27.63 22.66
C ASP B 19 -20.60 26.23 22.26
N LYS B 20 -20.95 25.80 21.05
CA LYS B 20 -20.73 24.42 20.62
C LYS B 20 -19.25 24.05 20.35
N HIS B 21 -18.37 25.03 20.32
CA HIS B 21 -16.96 24.76 20.00
C HIS B 21 -15.99 25.47 20.94
N LYS B 22 -16.14 25.23 22.23
CA LYS B 22 -15.34 25.91 23.24
C LYS B 22 -13.88 25.47 23.21
N LYS B 23 -12.97 26.44 23.10
CA LYS B 23 -11.54 26.18 23.06
C LYS B 23 -11.08 25.37 21.83
N TRP B 24 -12.00 25.15 20.90
CA TRP B 24 -11.64 24.61 19.59
C TRP B 24 -10.73 25.57 18.85
N ILE B 25 -10.12 25.10 17.77
CA ILE B 25 -9.31 25.98 16.93
C ILE B 25 -10.15 26.57 15.80
N GLU B 26 -10.24 27.88 15.74
CA GLU B 26 -10.95 28.56 14.66
C GLU B 26 -10.14 28.52 13.35
N VAL B 27 -10.76 28.07 12.27
CA VAL B 27 -10.04 27.93 11.01
C VAL B 27 -10.79 28.60 9.86
N LEU B 28 -10.03 29.13 8.91
CA LEU B 28 -10.59 29.78 7.74
C LEU B 28 -10.88 28.78 6.60
N GLY B 29 -9.84 28.24 6.01
CA GLY B 29 -10.02 27.31 4.89
C GLY B 29 -9.50 25.93 5.21
N PHE B 30 -10.03 24.92 4.51
CA PHE B 30 -9.53 23.57 4.75
C PHE B 30 -8.88 22.87 3.55
N ALA B 31 -9.56 22.85 2.41
CA ALA B 31 -9.00 22.17 1.24
C ALA B 31 -8.63 20.70 1.52
N TRP B 32 -9.24 19.79 0.79
CA TRP B 32 -9.04 18.36 0.99
C TRP B 32 -9.51 17.62 -0.23
N GLY B 33 -8.92 16.46 -0.48
CA GLY B 33 -9.19 15.76 -1.72
C GLY B 33 -8.90 14.28 -1.69
N ALA B 34 -9.61 13.57 -2.56
CA ALA B 34 -9.39 12.16 -2.73
C ALA B 34 -9.71 11.83 -4.17
N GLY B 35 -9.36 10.62 -4.60
CA GLY B 35 -9.66 10.20 -5.94
C GLY B 35 -8.75 9.04 -6.29
N ASN B 36 -9.16 8.25 -7.28
CA ASN B 36 -8.41 7.06 -7.63
C ASN B 36 -7.60 7.26 -8.90
N GLU B 37 -6.92 6.22 -9.34
CA GLU B 37 -6.09 6.33 -10.54
C GLU B 37 -6.78 5.75 -11.78
N CYS B 38 -7.93 6.32 -12.11
CA CYS B 38 -8.70 5.94 -13.28
C CYS B 38 -8.22 6.71 -14.52
N THR B 39 -7.61 5.99 -15.45
CA THR B 39 -7.06 6.59 -16.66
C THR B 39 -8.14 6.75 -17.72
N MSE B 40 -7.89 7.57 -18.73
CA MSE B 40 -8.79 7.66 -19.87
C MSE B 40 -8.47 6.54 -20.86
O MSE B 40 -9.02 6.50 -21.96
CB MSE B 40 -8.72 9.03 -20.53
N GLU B 41 -7.57 5.65 -20.44
CA GLU B 41 -7.29 4.38 -21.11
C GLU B 41 -7.39 4.34 -22.62
N SER B 42 -8.62 4.21 -23.13
CA SER B 42 -8.88 4.12 -24.55
C SER B 42 -8.16 2.94 -25.16
N GLY B 43 -8.29 1.78 -24.50
CA GLY B 43 -7.69 0.53 -24.97
C GLY B 43 -8.16 -0.65 -24.10
N THR B 44 -8.58 -0.36 -22.87
CA THR B 44 -9.03 -1.39 -21.94
C THR B 44 -10.55 -1.43 -21.82
N GLN B 45 -11.10 -2.62 -21.68
CA GLN B 45 -12.55 -2.81 -21.71
C GLN B 45 -13.26 -2.37 -20.44
N GLY B 46 -12.77 -2.84 -19.29
CA GLY B 46 -13.29 -2.38 -18.01
C GLY B 46 -12.83 -0.97 -17.74
N LEU B 47 -13.23 -0.40 -16.60
CA LEU B 47 -12.81 0.94 -16.26
C LEU B 47 -11.35 0.95 -15.77
N ASN B 48 -11.08 0.17 -14.73
CA ASN B 48 -9.75 0.04 -14.15
C ASN B 48 -9.40 1.19 -13.21
N THR B 49 -10.05 1.17 -12.05
CA THR B 49 -9.91 2.22 -11.04
C THR B 49 -8.57 2.22 -10.33
N GLY B 50 -7.92 1.07 -10.30
CA GLY B 50 -6.64 0.92 -9.64
C GLY B 50 -6.73 1.24 -8.16
N LYS B 51 -5.88 2.08 -7.67
CA LYS B 51 -5.71 2.20 -6.31
C LYS B 51 -6.31 3.45 -5.89
N ALA B 52 -6.55 3.55 -4.61
CA ALA B 52 -7.28 4.63 -4.02
C ALA B 52 -6.42 5.62 -3.40
N MSE B 53 -6.69 6.88 -3.54
CA MSE B 53 -5.95 7.75 -2.72
C MSE B 53 -6.51 8.99 -2.28
O MSE B 53 -7.34 9.55 -2.92
CB MSE B 53 -4.64 8.01 -3.33
CG MSE B 53 -3.75 8.78 -2.45
SE MSE B 53 -2.48 8.02 -0.70
CE MSE B 53 -1.54 6.52 -2.17
N MSE B 54 -5.96 9.48 -1.17
CA MSE B 54 -6.38 10.67 -0.49
C MSE B 54 -5.29 11.66 -0.26
O MSE B 54 -4.17 11.27 -0.23
CB MSE B 54 -7.05 10.29 0.82
CG MSE B 54 -7.68 9.00 0.85
SE MSE B 54 -8.60 8.07 2.71
CE MSE B 54 -9.63 9.80 1.69
N SER B 55 -5.63 12.94 -0.10
CA SER B 55 -4.67 14.00 0.12
C SER B 55 -4.67 14.49 1.55
N VAL B 56 -3.60 15.18 1.92
CA VAL B 56 -3.49 15.80 3.23
C VAL B 56 -4.61 16.82 3.33
N LEU B 57 -4.95 17.21 4.55
CA LEU B 57 -5.88 18.31 4.77
C LEU B 57 -5.05 19.55 5.01
N ARG B 58 -5.38 20.66 4.34
CA ARG B 58 -4.61 21.88 4.48
C ARG B 58 -5.38 22.94 5.22
N VAL B 59 -5.00 23.17 6.46
CA VAL B 59 -5.73 24.11 7.27
C VAL B 59 -5.11 25.49 7.20
N THR B 60 -5.95 26.51 7.20
CA THR B 60 -5.48 27.88 7.32
C THR B 60 -6.13 28.55 8.55
N LYS B 61 -5.33 29.28 9.31
CA LYS B 61 -5.81 29.93 10.51
C LYS B 61 -4.80 30.97 11.02
N TRP B 62 -5.25 31.80 11.96
CA TRP B 62 -4.38 32.79 12.57
C TRP B 62 -3.49 32.11 13.58
N MSE B 63 -2.56 32.87 14.14
CA MSE B 63 -1.85 32.41 15.31
C MSE B 63 -2.80 32.41 16.48
O MSE B 63 -3.58 33.34 16.69
CB MSE B 63 -0.67 33.34 15.63
CG MSE B 63 0.65 32.85 15.10
SE MSE B 63 2.14 33.63 16.09
CE MSE B 63 3.54 32.40 15.49
N ASP B 64 -2.73 31.35 17.28
CA ASP B 64 -3.46 31.34 18.52
C ASP B 64 -2.64 30.62 19.55
N CYS B 65 -3.33 30.00 20.49
CA CYS B 65 -2.72 29.32 21.60
C CYS B 65 -2.30 27.93 21.17
N ALA B 66 -2.72 27.52 19.99
CA ALA B 66 -2.41 26.18 19.52
C ALA B 66 -1.13 26.18 18.74
N SER B 67 -0.78 27.35 18.20
CA SER B 67 0.42 27.52 17.41
C SER B 67 1.58 26.72 17.95
N VAL B 68 2.03 27.07 19.15
CA VAL B 68 3.22 26.44 19.70
C VAL B 68 3.14 24.91 19.67
N LYS B 69 1.98 24.37 20.01
CA LYS B 69 1.82 22.93 20.01
C LYS B 69 1.86 22.40 18.57
N LEU B 70 1.30 23.18 17.67
CA LEU B 70 1.30 22.81 16.27
C LEU B 70 2.72 22.85 15.77
N ALA B 71 3.46 23.87 16.22
CA ALA B 71 4.86 24.01 15.84
C ALA B 71 5.64 22.80 16.32
N SER B 72 5.47 22.45 17.58
CA SER B 72 6.19 21.33 18.15
C SER B 72 5.76 20.03 17.49
N ALA B 73 4.47 19.89 17.26
CA ALA B 73 3.97 18.67 16.65
C ALA B 73 4.77 18.37 15.37
N ALA B 74 4.90 19.37 14.51
CA ALA B 74 5.65 19.22 13.28
C ALA B 74 6.96 18.47 13.51
N VAL B 75 7.93 19.12 14.14
CA VAL B 75 9.27 18.57 14.29
C VAL B 75 9.31 17.37 15.20
N GLN B 76 8.21 17.12 15.88
CA GLN B 76 8.16 16.07 16.88
C GLN B 76 7.57 14.81 16.31
N GLY B 77 6.95 14.94 15.14
CA GLY B 77 6.24 13.86 14.50
C GLY B 77 5.13 13.34 15.37
N GLN B 78 4.47 14.25 16.08
CA GLN B 78 3.56 13.86 17.17
C GLN B 78 2.29 13.21 16.68
N ASN B 79 1.96 12.04 17.25
CA ASN B 79 0.75 11.30 16.87
C ASN B 79 -0.49 11.67 17.66
N PHE B 80 -1.53 12.07 16.95
CA PHE B 80 -2.84 12.30 17.57
C PHE B 80 -3.83 11.22 17.16
N PRO B 81 -4.76 10.89 18.05
CA PRO B 81 -5.70 9.82 17.76
C PRO B 81 -6.76 10.31 16.79
N THR B 82 -7.08 11.58 16.89
CA THR B 82 -8.32 12.06 16.29
C THR B 82 -8.32 13.54 16.01
N LEU B 83 -8.63 13.87 14.77
CA LEU B 83 -8.85 15.24 14.36
C LEU B 83 -10.28 15.36 13.81
N GLU B 84 -11.06 16.25 14.40
CA GLU B 84 -12.43 16.48 13.97
C GLU B 84 -12.56 17.82 13.27
N LEU B 85 -12.93 17.80 12.00
CA LEU B 85 -13.24 19.05 11.31
C LEU B 85 -14.75 19.28 11.28
N GLU B 86 -15.14 20.54 11.41
CA GLU B 86 -16.55 20.88 11.52
C GLU B 86 -16.87 22.25 10.94
N ILE B 87 -17.72 22.27 9.92
CA ILE B 87 -18.18 23.50 9.32
C ILE B 87 -19.63 23.73 9.74
N CYS B 88 -19.90 24.89 10.29
CA CYS B 88 -21.20 25.17 10.90
C CYS B 88 -21.86 26.38 10.28
N THR B 89 -23.17 26.29 10.04
CA THR B 89 -23.93 27.33 9.38
C THR B 89 -23.96 28.64 10.17
N GLN B 90 -23.82 29.75 9.47
CA GLN B 90 -23.93 31.06 10.06
C GLN B 90 -25.33 31.32 10.55
N ALA B 91 -26.31 31.00 9.70
CA ALA B 91 -27.71 31.14 10.06
C ALA B 91 -28.30 29.85 10.59
N GLY B 92 -29.62 29.73 10.50
CA GLY B 92 -30.31 28.51 10.91
C GLY B 92 -30.16 28.19 12.38
N ASP B 93 -29.34 27.20 12.70
CA ASP B 93 -29.10 26.80 14.07
C ASP B 93 -27.64 26.58 14.38
N LYS B 94 -26.77 27.27 13.66
CA LYS B 94 -25.33 27.14 13.87
C LYS B 94 -24.88 25.68 13.96
N PHE B 95 -25.61 24.78 13.31
CA PHE B 95 -25.24 23.37 13.34
C PHE B 95 -24.21 23.03 12.25
N ALA B 96 -23.57 21.89 12.41
CA ALA B 96 -22.53 21.47 11.49
C ALA B 96 -23.10 20.67 10.34
N PHE B 97 -23.10 21.27 9.16
CA PHE B 97 -23.68 20.64 8.00
C PHE B 97 -22.66 19.74 7.34
N CYS B 98 -21.48 19.67 7.94
CA CYS B 98 -20.43 18.81 7.42
C CYS B 98 -19.47 18.45 8.52
N ILE B 99 -19.39 17.16 8.84
CA ILE B 99 -18.56 16.73 9.96
C ILE B 99 -17.50 15.78 9.49
N TYR B 100 -16.26 16.24 9.50
CA TYR B 100 -15.15 15.39 9.06
C TYR B 100 -14.49 14.78 10.28
N LYS B 101 -13.95 13.59 10.11
CA LYS B 101 -13.33 12.90 11.22
C LYS B 101 -12.11 12.10 10.79
N PHE B 102 -10.94 12.48 11.30
CA PHE B 102 -9.70 11.80 10.98
C PHE B 102 -9.20 11.04 12.18
N THR B 103 -8.51 9.94 11.90
CA THR B 103 -8.04 9.03 12.92
C THR B 103 -6.58 8.73 12.66
N HIS B 104 -5.75 8.85 13.68
CA HIS B 104 -4.29 8.64 13.56
C HIS B 104 -3.62 9.79 12.79
N VAL B 105 -3.76 10.99 13.32
CA VAL B 105 -3.34 12.20 12.63
C VAL B 105 -1.95 12.65 13.05
N ALA B 106 -1.25 13.30 12.11
CA ALA B 106 0.03 13.96 12.37
C ALA B 106 0.07 15.33 11.71
N VAL B 107 0.91 16.22 12.22
CA VAL B 107 1.21 17.45 11.51
C VAL B 107 2.42 17.21 10.62
N SER B 108 2.21 17.27 9.31
CA SER B 108 3.28 16.96 8.35
C SER B 108 4.07 18.22 8.02
N SER B 109 3.44 19.36 8.20
CA SER B 109 4.13 20.63 7.99
C SER B 109 3.40 21.73 8.73
N TYR B 110 4.19 22.68 9.19
CA TYR B 110 3.67 23.87 9.79
C TYR B 110 4.40 25.00 9.12
N GLN B 111 3.65 26.00 8.66
CA GLN B 111 4.28 27.18 8.06
C GLN B 111 3.79 28.42 8.77
N CYS B 112 4.63 29.43 8.79
CA CYS B 112 4.29 30.68 9.46
C CYS B 112 4.67 31.86 8.59
N SER B 113 3.97 32.97 8.76
CA SER B 113 4.22 34.15 7.95
C SER B 113 3.45 35.35 8.47
N GLY B 114 4.01 36.54 8.35
CA GLY B 114 3.37 37.73 8.86
C GLY B 114 3.32 38.90 7.88
N ALA B 115 2.11 39.31 7.55
CA ALA B 115 1.87 40.40 6.61
C ALA B 115 2.70 41.65 6.86
N THR B 116 2.91 41.98 8.13
CA THR B 116 3.81 43.06 8.49
C THR B 116 3.17 44.28 9.13
N GLY B 117 2.22 44.87 8.41
CA GLY B 117 1.54 46.06 8.87
C GLY B 117 0.30 46.34 8.05
N GLY B 118 -0.77 45.60 8.34
CA GLY B 118 -2.04 45.74 7.64
C GLY B 118 -3.10 44.89 8.31
N SER B 119 -3.33 43.71 7.75
CA SER B 119 -4.23 42.74 8.37
C SER B 119 -3.68 42.41 9.74
N ASP B 120 -4.56 42.18 10.71
CA ASP B 120 -4.11 41.79 12.03
C ASP B 120 -3.89 40.29 12.08
N ARG B 121 -3.06 39.86 13.02
CA ARG B 121 -2.80 38.44 13.21
C ARG B 121 -2.02 37.85 12.07
N PRO B 122 -0.82 37.32 12.36
CA PRO B 122 -0.05 36.53 11.40
C PRO B 122 -0.89 35.35 10.96
N GLN B 123 -0.44 34.65 9.94
CA GLN B 123 -1.23 33.56 9.40
C GLN B 123 -0.40 32.31 9.24
N GLU B 124 -0.93 31.18 9.71
CA GLU B 124 -0.24 29.94 9.54
C GLU B 124 -1.02 28.96 8.67
N THR B 125 -0.29 28.08 7.99
CA THR B 125 -0.88 27.05 7.15
C THR B 125 -0.37 25.69 7.59
N ILE B 126 -1.30 24.80 7.95
CA ILE B 126 -0.93 23.50 8.50
C ILE B 126 -1.40 22.33 7.65
N ASP B 127 -0.50 21.39 7.41
CA ASP B 127 -0.84 20.17 6.71
C ASP B 127 -0.94 19.00 7.67
N PHE B 128 -2.11 18.37 7.68
CA PHE B 128 -2.41 17.27 8.56
C PHE B 128 -2.44 15.93 7.83
N ALA B 129 -1.42 15.11 8.05
CA ALA B 129 -1.43 13.75 7.52
C ALA B 129 -2.21 12.81 8.45
N TYR B 130 -2.80 11.76 7.90
CA TYR B 130 -3.72 10.89 8.65
C TYR B 130 -3.76 9.45 8.15
N LYS B 131 -4.60 8.63 8.78
CA LYS B 131 -4.75 7.23 8.37
C LYS B 131 -6.18 6.95 7.91
N GLU B 132 -7.15 7.54 8.60
CA GLU B 132 -8.56 7.25 8.33
C GLU B 132 -9.41 8.50 8.47
N VAL B 133 -10.63 8.46 7.95
CA VAL B 133 -11.48 9.64 7.88
C VAL B 133 -12.92 9.34 7.48
N THR B 134 -13.82 10.29 7.76
CA THR B 134 -15.25 10.12 7.51
C THR B 134 -15.91 11.43 7.06
N TRP B 135 -16.86 11.36 6.12
CA TRP B 135 -17.45 12.59 5.58
C TRP B 135 -18.57 13.18 6.43
N GLU B 136 -19.74 12.57 6.41
CA GLU B 136 -20.92 13.12 7.10
C GLU B 136 -21.33 14.52 6.65
N TYR B 137 -22.52 14.61 6.08
CA TYR B 137 -23.11 15.87 5.65
C TYR B 137 -24.53 15.98 6.18
N VAL B 138 -25.01 17.20 6.37
CA VAL B 138 -26.38 17.43 6.80
C VAL B 138 -27.00 18.58 6.03
N PRO B 139 -28.11 18.30 5.31
CA PRO B 139 -28.92 19.30 4.61
C PRO B 139 -29.55 20.31 5.57
N GLN B 140 -30.17 21.35 5.03
CA GLN B 140 -30.83 22.36 5.86
C GLN B 140 -32.19 22.72 5.28
N ASP B 141 -33.22 22.69 6.13
CA ASP B 141 -34.56 23.06 5.72
C ASP B 141 -34.64 24.55 5.41
N GLN B 142 -35.10 24.89 4.22
CA GLN B 142 -35.34 26.28 3.87
C GLN B 142 -36.07 27.01 4.99
N ASN B 143 -36.79 26.24 5.81
CA ASN B 143 -37.49 26.78 6.95
C ASN B 143 -36.54 27.08 8.09
N GLY B 144 -35.25 27.17 7.77
CA GLY B 144 -34.21 27.45 8.73
C GLY B 144 -33.57 26.21 9.33
N LYS B 145 -34.40 25.32 9.86
CA LYS B 145 -33.92 24.14 10.58
C LYS B 145 -33.16 23.13 9.74
N ALA B 146 -32.63 22.11 10.40
CA ALA B 146 -31.84 21.08 9.71
C ALA B 146 -32.72 19.98 9.13
N GLY B 147 -32.08 19.03 8.46
CA GLY B 147 -32.77 17.88 7.91
C GLY B 147 -32.02 16.61 8.31
N GLY B 148 -32.38 15.48 7.71
CA GLY B 148 -31.74 14.23 8.05
C GLY B 148 -30.28 14.23 7.70
N LYS B 149 -29.48 13.51 8.48
CA LYS B 149 -28.05 13.41 8.22
C LYS B 149 -27.75 12.39 7.12
N ILE B 150 -26.80 12.72 6.26
CA ILE B 150 -26.47 11.87 5.13
C ILE B 150 -25.36 10.87 5.42
N GLY B 151 -25.77 9.61 5.57
CA GLY B 151 -24.94 8.47 5.95
C GLY B 151 -23.44 8.75 6.05
N PRO B 152 -22.93 8.80 7.28
CA PRO B 152 -21.50 8.91 7.59
C PRO B 152 -20.68 7.82 6.91
N GLU B 153 -19.91 8.20 5.90
CA GLU B 153 -19.07 7.23 5.21
C GLU B 153 -17.63 7.69 5.25
N GLY B 154 -16.72 6.89 4.73
CA GLY B 154 -15.32 7.21 4.83
C GLY B 154 -14.44 6.12 4.28
N TRP B 155 -13.21 6.05 4.77
CA TRP B 155 -12.24 5.13 4.18
C TRP B 155 -10.97 5.04 5.04
N SER B 156 -10.24 3.94 4.88
CA SER B 156 -9.02 3.71 5.65
C SER B 156 -7.85 3.30 4.77
N LEU B 157 -6.72 3.97 4.97
CA LEU B 157 -5.50 3.66 4.24
C LEU B 157 -4.71 2.51 4.88
N ILE B 158 -5.20 1.99 6.00
CA ILE B 158 -4.57 0.83 6.59
C ILE B 158 -5.17 -0.45 6.02
N THR B 159 -6.42 -0.38 5.61
CA THR B 159 -7.13 -1.55 5.11
C THR B 159 -7.39 -1.45 3.60
N ASN B 160 -7.47 -0.23 3.10
CA ASN B 160 -7.95 0.02 1.75
C ASN B 160 -9.34 -0.57 1.62
N LYS B 161 -10.18 -0.31 2.61
CA LYS B 161 -11.59 -0.66 2.56
C LYS B 161 -12.38 0.60 2.92
N LYS B 162 -13.71 0.50 2.81
CA LYS B 162 -14.58 1.63 3.07
C LYS B 162 -14.79 1.89 4.56
N LYS B 163 -15.49 3.00 4.85
CA LYS B 163 -15.88 3.43 6.19
C LYS B 163 -14.84 3.13 7.28
#